data_2XON
#
_entry.id   2XON
#
_cell.length_a   48.900
_cell.length_b   61.850
_cell.length_c   55.530
_cell.angle_alpha   90.00
_cell.angle_beta   105.14
_cell.angle_gamma   90.00
#
_symmetry.space_group_name_H-M   'P 1 21 1'
#
loop_
_entity.id
_entity.type
_entity.pdbx_description
1 polymer 'ARABINOGALACTAN ENDO-1,4-BETA-GALACTOSIDASE'
2 branched beta-D-galactopyranose-(1-4)-beta-D-galactopyranose-(1-4)-beta-D-galactopyranose
3 non-polymer 'CALCIUM ION'
4 non-polymer 'SULFATE ION'
5 non-polymer 1,2-ETHANEDIOL
6 water water
#
_entity_poly.entity_id   1
_entity_poly.type   'polypeptide(L)'
_entity_poly.pdbx_seq_one_letter_code
;GSHMASSRNYLKNPGFETGEFSPWRVSGDKKAVKVVKANPSSNAHQGEYAVNFWLDESFSFELSQEVELPAGVYRVGFWT
HGEKGVKIALKVSDYGGNERSVEVETTGWLEWKNPEIRNIKVETGRIKITVSVEGRAGDWGFIDDFYLFREE
;
_entity_poly.pdbx_strand_id   A,L
#
loop_
_chem_comp.id
_chem_comp.type
_chem_comp.name
_chem_comp.formula
CA non-polymer 'CALCIUM ION' 'Ca 2'
EDO non-polymer 1,2-ETHANEDIOL 'C2 H6 O2'
GAL D-saccharide, beta linking beta-D-galactopyranose 'C6 H12 O6'
SO4 non-polymer 'SULFATE ION' 'O4 S -2'
#
# COMPACT_ATOMS: atom_id res chain seq x y z
N SER A 7 -15.92 4.90 5.35
CA SER A 7 -15.67 3.55 4.84
C SER A 7 -16.84 2.96 4.01
N ARG A 8 -17.94 3.70 3.72
CA ARG A 8 -18.98 3.27 2.80
C ARG A 8 -18.39 3.17 1.39
N ASN A 9 -18.53 2.00 0.78
CA ASN A 9 -17.95 1.71 -0.56
C ASN A 9 -19.07 1.89 -1.62
N TYR A 10 -18.87 2.83 -2.57
CA TYR A 10 -19.83 3.17 -3.54
C TYR A 10 -19.82 2.24 -4.77
N LEU A 11 -18.83 1.36 -4.92
CA LEU A 11 -18.87 0.40 -6.02
C LEU A 11 -19.69 -0.82 -5.59
N LYS A 12 -20.52 -1.33 -6.50
CA LYS A 12 -21.25 -2.58 -6.27
C LYS A 12 -20.40 -3.80 -6.63
N ASN A 13 -20.70 -4.89 -5.94
CA ASN A 13 -19.90 -6.15 -6.06
C ASN A 13 -18.40 -5.86 -6.14
N PRO A 14 -17.89 -5.09 -5.17
CA PRO A 14 -16.50 -4.60 -5.33
C PRO A 14 -15.45 -5.67 -5.12
N GLY A 15 -15.83 -6.82 -4.52
CA GLY A 15 -14.94 -7.91 -4.25
C GLY A 15 -15.28 -9.16 -4.99
N PHE A 16 -16.22 -9.09 -5.93
CA PHE A 16 -16.64 -10.26 -6.73
C PHE A 16 -17.19 -11.41 -5.90
N GLU A 17 -17.68 -11.09 -4.69
CA GLU A 17 -18.08 -12.10 -3.72
C GLU A 17 -19.40 -12.78 -4.08
N THR A 18 -20.10 -12.33 -5.10
CA THR A 18 -21.18 -13.08 -5.65
C THR A 18 -20.73 -14.25 -6.48
N GLY A 19 -19.45 -14.28 -6.84
CA GLY A 19 -18.97 -15.28 -7.77
C GLY A 19 -19.26 -14.98 -9.23
N GLU A 20 -19.78 -13.78 -9.51
CA GLU A 20 -20.14 -13.33 -10.83
C GLU A 20 -19.65 -11.92 -11.05
N PHE A 21 -19.62 -11.49 -12.33
CA PHE A 21 -19.17 -10.16 -12.63
C PHE A 21 -20.16 -9.06 -12.26
N SER A 22 -21.46 -9.31 -12.42
CA SER A 22 -22.41 -8.21 -12.42
C SER A 22 -22.29 -7.37 -11.14
N PRO A 23 -22.34 -6.03 -11.31
CA PRO A 23 -22.64 -5.25 -12.51
C PRO A 23 -21.43 -4.76 -13.29
N TRP A 24 -20.26 -5.31 -13.03
CA TRP A 24 -19.07 -5.03 -13.85
C TRP A 24 -19.24 -5.54 -15.25
N ARG A 25 -18.85 -4.70 -16.20
CA ARG A 25 -18.83 -5.04 -17.63
CA ARG A 25 -18.83 -5.08 -17.60
C ARG A 25 -17.46 -5.49 -18.00
N VAL A 26 -17.39 -6.57 -18.76
CA VAL A 26 -16.15 -7.03 -19.33
C VAL A 26 -16.21 -6.72 -20.82
N SER A 27 -15.16 -6.08 -21.33
CA SER A 27 -15.03 -5.74 -22.78
C SER A 27 -13.70 -6.28 -23.25
N GLY A 28 -13.65 -6.63 -24.52
CA GLY A 28 -12.43 -7.14 -25.16
C GLY A 28 -12.37 -8.63 -25.17
N ASP A 29 -11.23 -9.17 -24.80
CA ASP A 29 -11.02 -10.63 -24.85
C ASP A 29 -11.65 -11.26 -23.58
N LYS A 30 -12.97 -11.38 -23.60
CA LYS A 30 -13.70 -11.87 -22.48
C LYS A 30 -13.28 -13.24 -22.04
N LYS A 31 -12.85 -14.09 -22.95
CA LYS A 31 -12.53 -15.43 -22.52
CA LYS A 31 -12.42 -15.43 -22.66
C LYS A 31 -11.24 -15.49 -21.67
N ALA A 32 -10.48 -14.39 -21.62
CA ALA A 32 -9.32 -14.25 -20.78
C ALA A 32 -9.65 -14.02 -19.29
N VAL A 33 -10.89 -13.78 -18.96
CA VAL A 33 -11.25 -13.20 -17.65
C VAL A 33 -12.39 -13.98 -17.05
N LYS A 34 -12.26 -14.34 -15.78
CA LYS A 34 -13.27 -15.10 -15.05
C LYS A 34 -13.31 -14.61 -13.63
N VAL A 35 -14.46 -14.81 -12.96
CA VAL A 35 -14.52 -14.69 -11.49
C VAL A 35 -14.36 -16.12 -10.97
N VAL A 36 -13.43 -16.31 -10.04
CA VAL A 36 -13.13 -17.63 -9.50
C VAL A 36 -13.13 -17.58 -7.98
N LYS A 37 -13.38 -18.76 -7.40
CA LYS A 37 -13.17 -18.98 -5.99
C LYS A 37 -11.67 -19.31 -5.86
N ALA A 38 -10.94 -18.40 -5.25
CA ALA A 38 -9.47 -18.42 -5.22
C ALA A 38 -8.97 -19.68 -4.54
N ASN A 39 -8.03 -20.34 -5.20
CA ASN A 39 -7.41 -21.53 -4.65
C ASN A 39 -5.90 -21.53 -5.01
N PRO A 40 -5.02 -21.16 -4.07
CA PRO A 40 -5.29 -20.88 -2.67
C PRO A 40 -6.07 -19.61 -2.51
N SER A 41 -6.71 -19.49 -1.35
CA SER A 41 -7.43 -18.28 -1.04
CA SER A 41 -7.42 -18.28 -0.97
C SER A 41 -6.58 -17.02 -1.03
N SER A 42 -5.29 -17.19 -0.81
CA SER A 42 -4.36 -16.08 -0.86
CA SER A 42 -4.24 -16.15 -0.93
C SER A 42 -4.34 -15.36 -2.19
N ASN A 43 -4.85 -15.96 -3.27
CA ASN A 43 -4.93 -15.23 -4.55
C ASN A 43 -5.96 -14.10 -4.54
N ALA A 44 -6.94 -14.19 -3.62
CA ALA A 44 -7.88 -13.11 -3.42
C ALA A 44 -7.34 -12.14 -2.37
N HIS A 45 -7.76 -10.88 -2.42
CA HIS A 45 -7.35 -9.93 -1.42
C HIS A 45 -8.34 -9.81 -0.30
N GLN A 46 -9.59 -10.10 -0.54
CA GLN A 46 -10.63 -10.18 0.49
C GLN A 46 -11.59 -11.23 0.05
N GLY A 47 -12.28 -11.83 1.03
CA GLY A 47 -13.28 -12.82 0.76
C GLY A 47 -12.71 -14.03 0.10
N GLU A 48 -13.56 -14.71 -0.65
CA GLU A 48 -13.21 -15.99 -1.27
C GLU A 48 -13.01 -15.92 -2.76
N TYR A 49 -13.46 -14.81 -3.36
CA TYR A 49 -13.45 -14.71 -4.81
C TYR A 49 -12.63 -13.57 -5.33
N ALA A 50 -12.15 -13.70 -6.57
CA ALA A 50 -11.40 -12.65 -7.25
C ALA A 50 -11.58 -12.86 -8.72
N VAL A 51 -11.30 -11.79 -9.47
CA VAL A 51 -11.16 -11.94 -10.91
C VAL A 51 -9.80 -12.58 -11.16
N ASN A 52 -9.79 -13.59 -12.03
CA ASN A 52 -8.54 -14.19 -12.50
C ASN A 52 -8.53 -14.07 -13.98
N PHE A 53 -7.42 -13.59 -14.53
CA PHE A 53 -7.25 -13.55 -15.96
C PHE A 53 -6.07 -14.41 -16.36
N TRP A 54 -6.18 -14.96 -17.55
CA TRP A 54 -5.14 -15.81 -18.11
C TRP A 54 -5.59 -16.19 -19.52
N LEU A 55 -4.63 -16.36 -20.43
CA LEU A 55 -4.95 -16.99 -21.72
C LEU A 55 -3.69 -17.51 -22.26
N ASP A 56 -3.82 -18.48 -23.19
CA ASP A 56 -2.61 -19.11 -23.81
CA ASP A 56 -2.65 -19.14 -23.82
C ASP A 56 -2.10 -18.37 -25.01
N GLU A 57 -2.74 -17.27 -25.33
CA GLU A 57 -2.28 -16.32 -26.31
CA GLU A 57 -2.21 -16.33 -26.29
C GLU A 57 -2.42 -14.93 -25.74
N SER A 58 -1.86 -13.95 -26.39
CA SER A 58 -1.92 -12.56 -25.93
C SER A 58 -3.36 -12.10 -25.83
N PHE A 59 -3.62 -11.15 -24.87
CA PHE A 59 -4.96 -10.76 -24.63
C PHE A 59 -5.00 -9.32 -24.07
N SER A 60 -6.14 -8.69 -24.33
CA SER A 60 -6.45 -7.38 -23.75
C SER A 60 -7.91 -7.41 -23.33
N PHE A 61 -8.19 -6.78 -22.19
CA PHE A 61 -9.59 -6.60 -21.75
C PHE A 61 -9.73 -5.41 -20.87
N GLU A 62 -10.98 -5.04 -20.60
CA GLU A 62 -11.31 -3.99 -19.70
C GLU A 62 -12.46 -4.46 -18.80
N LEU A 63 -12.38 -4.01 -17.57
CA LEU A 63 -13.50 -4.19 -16.56
CA LEU A 63 -13.35 -4.25 -16.52
C LEU A 63 -13.96 -2.83 -16.20
N SER A 64 -15.26 -2.61 -16.23
CA SER A 64 -15.77 -1.26 -15.89
C SER A 64 -17.09 -1.29 -15.13
N GLN A 65 -17.31 -0.22 -14.40
CA GLN A 65 -18.58 -0.01 -13.71
C GLN A 65 -18.86 1.48 -13.61
N GLU A 66 -20.09 1.86 -13.85
CA GLU A 66 -20.55 3.23 -13.69
C GLU A 66 -21.38 3.37 -12.44
N VAL A 67 -21.21 4.49 -11.78
CA VAL A 67 -21.84 4.78 -10.52
C VAL A 67 -22.44 6.17 -10.53
N GLU A 68 -23.64 6.31 -9.91
CA GLU A 68 -24.25 7.62 -9.65
C GLU A 68 -24.00 7.90 -8.19
N LEU A 69 -23.54 9.12 -7.88
CA LEU A 69 -22.88 9.52 -6.60
CA LEU A 69 -23.19 9.40 -6.54
C LEU A 69 -23.26 10.88 -6.22
N PRO A 70 -23.34 11.17 -4.92
CA PRO A 70 -23.42 12.56 -4.50
C PRO A 70 -22.18 13.37 -4.84
N ALA A 71 -22.36 14.66 -5.10
CA ALA A 71 -21.22 15.55 -5.29
C ALA A 71 -20.28 15.44 -4.09
N GLY A 72 -18.97 15.43 -4.34
CA GLY A 72 -18.01 15.34 -3.29
C GLY A 72 -16.66 14.96 -3.88
N VAL A 73 -15.68 14.71 -3.02
CA VAL A 73 -14.32 14.34 -3.45
C VAL A 73 -14.16 12.88 -3.05
N TYR A 74 -13.68 12.10 -3.99
CA TYR A 74 -13.62 10.64 -3.87
C TYR A 74 -12.23 10.09 -4.18
N ARG A 75 -12.01 8.84 -3.74
CA ARG A 75 -10.84 8.07 -4.13
C ARG A 75 -11.31 6.69 -4.55
N VAL A 76 -10.57 6.15 -5.51
CA VAL A 76 -10.83 4.84 -6.09
CA VAL A 76 -10.84 4.82 -5.98
C VAL A 76 -9.58 4.02 -6.05
N GLY A 77 -9.68 2.74 -5.75
CA GLY A 77 -8.55 1.83 -5.93
C GLY A 77 -8.95 0.39 -5.93
N PHE A 78 -7.95 -0.48 -6.11
CA PHE A 78 -8.12 -1.93 -6.05
C PHE A 78 -6.80 -2.59 -5.84
N TRP A 79 -6.84 -3.91 -5.81
CA TRP A 79 -5.68 -4.79 -5.52
C TRP A 79 -5.46 -5.81 -6.61
N THR A 80 -4.18 -5.96 -6.98
CA THR A 80 -3.84 -6.90 -8.01
C THR A 80 -2.45 -7.50 -7.82
N HIS A 81 -2.27 -8.72 -8.36
CA HIS A 81 -0.96 -9.37 -8.47
C HIS A 81 -1.00 -10.27 -9.68
N GLY A 82 0.17 -10.61 -10.22
CA GLY A 82 0.19 -11.52 -11.35
C GLY A 82 1.60 -11.69 -11.90
N GLU A 83 1.65 -12.30 -13.08
CA GLU A 83 2.89 -12.60 -13.77
C GLU A 83 3.65 -11.31 -14.01
N LYS A 84 4.97 -11.40 -13.91
CA LYS A 84 5.80 -10.26 -14.17
CA LYS A 84 5.85 -10.28 -14.20
C LYS A 84 5.51 -9.69 -15.57
N GLY A 85 5.25 -8.41 -15.59
CA GLY A 85 5.12 -7.63 -16.80
C GLY A 85 3.75 -7.41 -17.42
N VAL A 86 2.71 -7.85 -16.73
CA VAL A 86 1.35 -7.57 -17.20
C VAL A 86 1.09 -6.10 -16.97
N LYS A 87 0.49 -5.47 -17.94
CA LYS A 87 0.22 -4.01 -17.92
C LYS A 87 -1.19 -3.75 -17.49
N ILE A 88 -1.35 -3.08 -16.36
CA ILE A 88 -2.71 -2.78 -15.80
C ILE A 88 -2.86 -1.27 -15.62
N ALA A 89 -4.00 -0.74 -15.96
CA ALA A 89 -4.27 0.70 -15.79
C ALA A 89 -5.60 0.84 -15.14
N LEU A 90 -5.67 1.80 -14.23
CA LEU A 90 -6.91 2.26 -13.58
C LEU A 90 -7.24 3.60 -14.14
N LYS A 91 -8.49 3.79 -14.58
CA LYS A 91 -8.96 5.00 -15.24
C LYS A 91 -10.25 5.44 -14.60
N VAL A 92 -10.38 6.73 -14.36
CA VAL A 92 -11.68 7.28 -13.97
CA VAL A 92 -11.56 7.35 -13.83
C VAL A 92 -12.04 8.40 -14.88
N SER A 93 -13.34 8.43 -15.21
CA SER A 93 -13.87 9.33 -16.18
C SER A 93 -15.31 9.71 -15.86
N ASP A 94 -15.82 10.72 -16.56
CA ASP A 94 -17.23 11.13 -16.48
C ASP A 94 -17.66 11.81 -15.20
N TYR A 95 -16.69 12.19 -14.39
CA TYR A 95 -16.90 12.76 -13.08
C TYR A 95 -16.93 14.28 -13.09
N GLY A 96 -16.51 14.92 -14.21
CA GLY A 96 -16.43 16.36 -14.30
C GLY A 96 -15.19 16.87 -14.96
N GLY A 97 -14.13 16.13 -14.91
CA GLY A 97 -12.82 16.52 -15.44
C GLY A 97 -12.37 15.55 -16.54
N ASN A 98 -11.12 15.74 -16.98
CA ASN A 98 -10.52 14.85 -17.96
C ASN A 98 -10.27 13.49 -17.32
N GLU A 99 -10.15 12.49 -18.15
CA GLU A 99 -9.86 11.20 -17.61
C GLU A 99 -8.56 11.25 -16.77
N ARG A 100 -8.55 10.58 -15.62
CA ARG A 100 -7.42 10.34 -14.79
C ARG A 100 -7.05 8.87 -14.87
N SER A 101 -5.77 8.61 -14.80
CA SER A 101 -5.28 7.26 -14.79
C SER A 101 -4.02 7.08 -14.00
N VAL A 102 -3.81 5.82 -13.64
CA VAL A 102 -2.54 5.35 -13.14
CA VAL A 102 -2.58 5.31 -13.01
C VAL A 102 -2.29 3.96 -13.67
N GLU A 103 -1.01 3.70 -13.97
CA GLU A 103 -0.55 2.47 -14.62
CA GLU A 103 -0.58 2.45 -14.59
C GLU A 103 0.34 1.72 -13.64
N VAL A 104 0.22 0.39 -13.62
CA VAL A 104 1.11 -0.48 -12.81
CA VAL A 104 1.14 -0.42 -12.87
C VAL A 104 1.40 -1.71 -13.62
N GLU A 105 2.52 -2.34 -13.33
CA GLU A 105 2.86 -3.63 -13.85
C GLU A 105 2.94 -4.59 -12.68
N THR A 106 2.41 -5.79 -12.87
CA THR A 106 2.61 -6.83 -11.89
C THR A 106 4.02 -7.36 -11.98
N THR A 107 4.47 -7.96 -10.88
CA THR A 107 5.88 -8.34 -10.72
C THR A 107 6.12 -9.74 -10.18
N GLY A 108 5.06 -10.54 -10.18
CA GLY A 108 5.13 -11.88 -9.70
C GLY A 108 4.02 -12.26 -8.72
N TRP A 109 3.89 -13.55 -8.48
CA TRP A 109 2.78 -14.08 -7.69
C TRP A 109 2.79 -13.50 -6.29
N LEU A 110 1.62 -12.97 -5.88
CA LEU A 110 1.43 -12.47 -4.52
C LEU A 110 2.27 -11.26 -4.20
N GLU A 111 2.74 -10.56 -5.23
CA GLU A 111 3.36 -9.26 -5.07
C GLU A 111 2.29 -8.20 -5.30
N TRP A 112 1.55 -7.88 -4.25
CA TRP A 112 0.34 -7.08 -4.42
C TRP A 112 0.63 -5.64 -4.76
N LYS A 113 -0.15 -5.15 -5.72
CA LYS A 113 -0.18 -3.75 -6.12
C LYS A 113 -1.52 -3.15 -5.75
N ASN A 114 -1.51 -1.90 -5.33
CA ASN A 114 -2.73 -1.19 -4.93
C ASN A 114 -2.85 0.12 -5.69
N PRO A 115 -3.15 0.05 -6.99
CA PRO A 115 -3.39 1.27 -7.73
C PRO A 115 -4.51 2.08 -7.15
N GLU A 116 -4.32 3.41 -7.09
CA GLU A 116 -5.31 4.27 -6.52
C GLU A 116 -5.26 5.64 -7.13
N ILE A 117 -6.44 6.24 -7.25
CA ILE A 117 -6.57 7.61 -7.72
C ILE A 117 -7.34 8.36 -6.62
N ARG A 118 -6.75 9.47 -6.16
CA ARG A 118 -7.25 10.27 -5.06
CA ARG A 118 -7.32 10.26 -5.07
C ARG A 118 -7.75 11.63 -5.56
N ASN A 119 -8.47 12.37 -4.73
CA ASN A 119 -8.83 13.76 -5.03
CA ASN A 119 -8.85 13.74 -4.99
C ASN A 119 -9.60 13.92 -6.33
N ILE A 120 -10.60 13.07 -6.50
CA ILE A 120 -11.45 13.06 -7.66
C ILE A 120 -12.72 13.90 -7.29
N LYS A 121 -12.86 15.09 -7.88
CA LYS A 121 -13.98 16.01 -7.51
C LYS A 121 -15.13 15.69 -8.47
N VAL A 122 -16.13 15.01 -7.94
CA VAL A 122 -17.28 14.61 -8.72
C VAL A 122 -18.29 15.77 -8.78
N GLU A 123 -18.44 16.34 -9.97
CA GLU A 123 -19.29 17.46 -10.27
C GLU A 123 -20.45 17.09 -11.16
N THR A 124 -20.44 15.90 -11.79
CA THR A 124 -21.49 15.48 -12.69
C THR A 124 -22.52 14.55 -12.02
N GLY A 125 -22.27 14.16 -10.77
CA GLY A 125 -23.09 13.13 -10.08
C GLY A 125 -22.82 11.72 -10.55
N ARG A 126 -21.74 11.55 -11.33
CA ARG A 126 -21.44 10.25 -11.93
C ARG A 126 -19.94 10.01 -11.87
N ILE A 127 -19.55 8.72 -11.99
CA ILE A 127 -18.15 8.35 -12.22
C ILE A 127 -18.17 7.03 -12.94
N LYS A 128 -17.22 6.84 -13.83
CA LYS A 128 -16.98 5.54 -14.46
C LYS A 128 -15.56 5.10 -14.07
N ILE A 129 -15.48 3.86 -13.65
CA ILE A 129 -14.22 3.24 -13.22
C ILE A 129 -13.91 2.14 -14.25
N THR A 130 -12.74 2.25 -14.87
CA THR A 130 -12.29 1.26 -15.84
C THR A 130 -10.92 0.70 -15.45
N VAL A 131 -10.74 -0.60 -15.52
CA VAL A 131 -9.43 -1.18 -15.44
C VAL A 131 -9.12 -1.85 -16.76
N SER A 132 -7.97 -1.53 -17.31
CA SER A 132 -7.47 -2.21 -18.53
C SER A 132 -6.35 -3.14 -18.20
N VAL A 133 -6.30 -4.28 -18.92
CA VAL A 133 -5.27 -5.35 -18.70
C VAL A 133 -4.79 -5.72 -20.10
N GLU A 134 -3.48 -5.86 -20.20
CA GLU A 134 -2.85 -6.28 -21.45
C GLU A 134 -1.77 -7.30 -21.13
N GLY A 135 -1.90 -8.49 -21.66
CA GLY A 135 -0.97 -9.57 -21.31
C GLY A 135 -0.45 -10.23 -22.57
N ARG A 136 0.71 -10.78 -22.38
CA ARG A 136 1.32 -11.64 -23.41
C ARG A 136 0.79 -13.04 -23.25
N ALA A 137 1.09 -13.92 -24.21
CA ALA A 137 0.68 -15.29 -24.13
C ALA A 137 1.14 -15.96 -22.82
N GLY A 138 0.18 -16.58 -22.10
CA GLY A 138 0.46 -17.23 -20.87
C GLY A 138 0.44 -16.37 -19.62
N ASP A 139 0.35 -15.04 -19.79
CA ASP A 139 0.31 -14.13 -18.66
C ASP A 139 -1.01 -14.35 -17.89
N TRP A 140 -1.00 -13.91 -16.66
CA TRP A 140 -2.11 -14.21 -15.72
C TRP A 140 -2.05 -13.25 -14.62
N GLY A 141 -3.14 -13.19 -13.86
CA GLY A 141 -3.16 -12.35 -12.67
C GLY A 141 -4.52 -12.41 -12.00
N PHE A 142 -4.60 -11.68 -10.87
CA PHE A 142 -5.83 -11.55 -10.05
C PHE A 142 -6.09 -10.10 -9.79
N ILE A 143 -7.38 -9.76 -9.80
CA ILE A 143 -7.90 -8.42 -9.51
C ILE A 143 -8.98 -8.59 -8.42
N ASP A 144 -8.97 -7.72 -7.41
CA ASP A 144 -9.98 -7.89 -6.32
C ASP A 144 -10.04 -6.57 -5.50
N ASP A 145 -11.09 -6.52 -4.68
CA ASP A 145 -11.17 -5.59 -3.58
C ASP A 145 -11.06 -4.13 -4.06
N PHE A 146 -11.98 -3.79 -4.92
CA PHE A 146 -12.23 -2.41 -5.31
C PHE A 146 -12.84 -1.59 -4.19
N TYR A 147 -12.58 -0.30 -4.23
CA TYR A 147 -13.23 0.65 -3.31
C TYR A 147 -13.37 1.97 -4.01
N LEU A 148 -14.49 2.62 -3.73
CA LEU A 148 -14.78 4.00 -4.13
C LEU A 148 -15.34 4.67 -2.88
N PHE A 149 -14.47 5.48 -2.28
CA PHE A 149 -14.76 6.13 -0.97
C PHE A 149 -14.86 7.62 -1.10
N ARG A 150 -15.74 8.22 -0.29
CA ARG A 150 -15.77 9.65 -0.16
C ARG A 150 -14.67 10.07 0.80
N GLU A 151 -13.84 11.02 0.39
CA GLU A 151 -12.73 11.50 1.23
C GLU A 151 -13.28 12.42 2.33
N SER B 7 -7.95 7.27 12.64
CA SER B 7 -8.12 6.98 14.12
C SER B 7 -6.90 7.37 14.98
N ARG B 8 -7.00 7.17 16.29
CA ARG B 8 -6.03 7.63 17.29
C ARG B 8 -4.69 6.93 17.04
N ASN B 9 -3.65 7.77 16.95
CA ASN B 9 -2.31 7.25 16.69
C ASN B 9 -1.64 7.21 18.07
N TYR B 10 -1.25 6.02 18.51
CA TYR B 10 -0.66 5.82 19.81
C TYR B 10 0.87 6.04 19.84
N LEU B 11 1.51 6.30 18.70
CA LEU B 11 2.90 6.74 18.75
C LEU B 11 2.96 8.27 18.82
N LYS B 12 3.83 8.75 19.70
CA LYS B 12 4.07 10.18 19.84
C LYS B 12 5.07 10.69 18.80
N ASN B 13 4.92 11.94 18.41
CA ASN B 13 5.76 12.50 17.35
C ASN B 13 5.92 11.54 16.16
N PRO B 14 4.80 11.02 15.66
CA PRO B 14 4.89 9.91 14.75
C PRO B 14 5.41 10.24 13.38
N GLY B 15 5.37 11.51 13.02
CA GLY B 15 5.87 12.03 11.72
C GLY B 15 6.98 13.01 11.87
N PHE B 16 7.57 13.08 13.06
CA PHE B 16 8.77 13.88 13.27
C PHE B 16 8.51 15.38 13.07
N GLU B 17 7.25 15.80 13.16
CA GLU B 17 6.85 17.17 12.84
C GLU B 17 7.28 18.19 13.84
N THR B 18 7.83 17.79 14.98
CA THR B 18 8.44 18.71 15.88
C THR B 18 9.79 19.18 15.39
N GLY B 19 10.31 18.49 14.38
CA GLY B 19 11.67 18.74 13.96
C GLY B 19 12.78 18.08 14.77
N GLU B 20 12.40 17.26 15.76
CA GLU B 20 13.28 16.60 16.66
C GLU B 20 12.92 15.14 16.80
N PHE B 21 13.81 14.34 17.38
CA PHE B 21 13.51 12.95 17.62
C PHE B 21 12.52 12.68 18.75
N SER B 22 12.60 13.42 19.84
CA SER B 22 11.92 13.03 21.05
C SER B 22 10.45 12.71 20.79
N PRO B 23 9.90 11.63 21.40
CA PRO B 23 10.48 10.71 22.34
C PRO B 23 11.12 9.45 21.74
N TRP B 24 11.37 9.48 20.41
CA TRP B 24 12.11 8.41 19.77
C TRP B 24 13.52 8.39 20.28
N ARG B 25 14.05 7.21 20.51
CA ARG B 25 15.43 6.99 20.86
C ARG B 25 16.22 6.51 19.62
N VAL B 26 17.39 7.07 19.44
CA VAL B 26 18.32 6.61 18.43
C VAL B 26 19.43 5.85 19.11
N SER B 27 19.71 4.62 18.65
CA SER B 27 20.78 3.78 19.16
C SER B 27 21.67 3.41 18.01
N GLY B 28 22.95 3.20 18.30
CA GLY B 28 23.92 2.78 17.30
C GLY B 28 24.64 3.97 16.68
N ASP B 29 24.75 3.97 15.36
CA ASP B 29 25.53 5.01 14.67
C ASP B 29 24.65 6.28 14.56
N LYS B 30 24.53 7.00 15.69
CA LYS B 30 23.65 8.17 15.79
C LYS B 30 24.01 9.23 14.73
N LYS B 31 25.29 9.33 14.38
CA LYS B 31 25.71 10.31 13.37
C LYS B 31 25.09 10.11 12.02
N ALA B 32 24.59 8.91 11.76
CA ALA B 32 23.95 8.58 10.49
C ALA B 32 22.53 9.07 10.31
N VAL B 33 21.94 9.62 11.35
CA VAL B 33 20.49 9.82 11.41
C VAL B 33 20.20 11.22 11.93
N LYS B 34 19.31 11.91 11.21
CA LYS B 34 18.85 13.24 11.60
C LYS B 34 17.35 13.37 11.32
N VAL B 35 16.69 14.32 11.96
CA VAL B 35 15.37 14.78 11.53
C VAL B 35 15.61 16.02 10.70
N VAL B 36 15.03 16.07 9.50
CA VAL B 36 15.27 17.19 8.60
C VAL B 36 13.92 17.69 8.06
N LYS B 37 13.93 18.97 7.70
CA LYS B 37 12.84 19.58 6.92
C LYS B 37 13.11 19.16 5.46
N ALA B 38 12.29 18.26 4.92
CA ALA B 38 12.52 17.57 3.66
C ALA B 38 12.61 18.64 2.54
N ASN B 39 13.64 18.44 1.72
CA ASN B 39 13.84 19.26 0.51
C ASN B 39 14.31 18.39 -0.67
N PRO B 40 13.43 18.05 -1.60
CA PRO B 40 12.05 18.45 -1.72
C PRO B 40 11.21 17.86 -0.66
N SER B 41 10.05 18.50 -0.46
CA SER B 41 9.07 18.03 0.52
C SER B 41 8.60 16.59 0.25
N SER B 42 8.66 16.16 -1.02
CA SER B 42 8.34 14.83 -1.40
CA SER B 42 8.44 14.81 -1.49
C SER B 42 9.20 13.78 -0.73
N ASN B 43 10.35 14.13 -0.16
CA ASN B 43 11.10 13.14 0.61
C ASN B 43 10.37 12.70 1.90
N ALA B 44 9.52 13.60 2.45
CA ALA B 44 8.65 13.26 3.56
C ALA B 44 7.39 12.57 3.06
N HIS B 45 6.79 11.70 3.88
CA HIS B 45 5.54 11.08 3.49
C HIS B 45 4.33 11.90 3.96
N GLN B 46 4.50 12.65 5.03
CA GLN B 46 3.47 13.59 5.52
C GLN B 46 4.16 14.75 6.18
N GLY B 47 3.48 15.89 6.18
CA GLY B 47 4.04 17.05 6.81
C GLY B 47 5.29 17.51 6.07
N GLU B 48 6.14 18.21 6.84
CA GLU B 48 7.35 18.82 6.31
C GLU B 48 8.65 18.18 6.71
N TYR B 49 8.58 17.29 7.69
CA TYR B 49 9.75 16.69 8.30
C TYR B 49 9.77 15.16 8.12
N ALA B 50 10.97 14.62 8.16
CA ALA B 50 11.20 13.20 8.10
C ALA B 50 12.54 12.90 8.72
N VAL B 51 12.73 11.64 9.10
CA VAL B 51 14.07 11.14 9.44
C VAL B 51 14.81 10.94 8.12
N ASN B 52 16.02 11.45 8.05
CA ASN B 52 16.89 11.17 6.92
C ASN B 52 18.15 10.52 7.47
N PHE B 53 18.53 9.39 6.90
CA PHE B 53 19.77 8.76 7.25
C PHE B 53 20.70 8.73 6.06
N TRP B 54 22.00 8.80 6.36
CA TRP B 54 23.07 8.77 5.40
C TRP B 54 24.38 8.78 6.14
N LEU B 55 25.39 8.11 5.60
CA LEU B 55 26.74 8.28 6.09
C LEU B 55 27.68 7.96 5.00
N ASP B 56 28.88 8.57 5.07
CA ASP B 56 29.95 8.32 4.09
CA ASP B 56 29.94 8.32 4.10
C ASP B 56 30.73 7.01 4.31
N GLU B 57 30.36 6.26 5.31
CA GLU B 57 30.87 4.95 5.64
C GLU B 57 29.66 4.04 5.99
N SER B 58 29.84 2.73 6.05
CA SER B 58 28.77 1.85 6.46
C SER B 58 28.30 2.20 7.87
N PHE B 59 27.02 1.88 8.11
CA PHE B 59 26.36 2.30 9.31
C PHE B 59 25.22 1.35 9.67
N SER B 60 24.94 1.30 10.98
CA SER B 60 23.77 0.64 11.53
C SER B 60 23.19 1.50 12.61
N PHE B 61 21.86 1.57 12.68
CA PHE B 61 21.20 2.24 13.79
C PHE B 61 19.81 1.67 14.02
N GLU B 62 19.25 2.03 15.16
CA GLU B 62 17.88 1.73 15.53
C GLU B 62 17.18 2.97 16.00
N LEU B 63 15.91 3.04 15.64
CA LEU B 63 14.96 4.06 16.22
CA LEU B 63 14.97 4.07 16.07
C LEU B 63 13.93 3.32 16.95
N SER B 64 13.63 3.78 18.15
CA SER B 64 12.64 3.08 18.94
C SER B 64 11.79 4.02 19.79
N GLN B 65 10.63 3.49 20.17
CA GLN B 65 9.72 4.24 21.07
C GLN B 65 8.94 3.22 21.84
N GLU B 66 8.78 3.47 23.13
CA GLU B 66 7.94 2.62 23.97
CA GLU B 66 7.99 2.65 24.05
C GLU B 66 6.67 3.36 24.30
N VAL B 67 5.57 2.63 24.35
CA VAL B 67 4.24 3.19 24.55
C VAL B 67 3.55 2.39 25.65
N GLU B 68 2.75 3.06 26.47
CA GLU B 68 1.81 2.45 27.42
C GLU B 68 0.42 2.73 26.87
N LEU B 69 -0.40 1.69 26.71
CA LEU B 69 -1.66 1.81 25.98
C LEU B 69 -2.60 0.71 26.44
N PRO B 70 -3.91 0.84 26.06
CA PRO B 70 -4.88 -0.17 26.53
C PRO B 70 -4.67 -1.53 25.87
N ALA B 71 -4.94 -2.56 26.62
CA ALA B 71 -5.01 -3.89 26.07
C ALA B 71 -5.96 -3.89 24.86
N GLY B 72 -5.57 -4.63 23.82
CA GLY B 72 -6.33 -4.67 22.62
C GLY B 72 -5.46 -5.15 21.48
N VAL B 73 -5.99 -5.10 20.27
CA VAL B 73 -5.30 -5.61 19.07
C VAL B 73 -4.94 -4.42 18.19
N TYR B 74 -3.67 -4.34 17.85
CA TYR B 74 -3.10 -3.20 17.18
C TYR B 74 -2.39 -3.54 15.90
N ARG B 75 -2.15 -2.52 15.10
CA ARG B 75 -1.21 -2.59 13.97
C ARG B 75 -0.26 -1.44 14.04
N VAL B 76 0.94 -1.65 13.54
N VAL B 76 0.91 -1.64 13.48
CA VAL B 76 1.95 -0.60 13.45
CA VAL B 76 1.93 -0.61 13.41
C VAL B 76 2.57 -0.60 12.08
C VAL B 76 2.58 -0.61 12.06
N GLY B 77 2.92 0.58 11.58
CA GLY B 77 3.63 0.67 10.30
C GLY B 77 4.24 2.02 10.17
N PHE B 78 4.98 2.18 9.05
CA PHE B 78 5.59 3.47 8.70
C PHE B 78 5.93 3.41 7.23
N TRP B 79 6.48 4.52 6.76
CA TRP B 79 6.80 4.72 5.33
C TRP B 79 8.29 5.04 5.20
N THR B 80 8.89 4.48 4.13
CA THR B 80 10.32 4.66 3.88
C THR B 80 10.66 4.54 2.41
N HIS B 81 11.70 5.28 2.01
CA HIS B 81 12.31 5.09 0.66
C HIS B 81 13.78 5.40 0.81
N GLY B 82 14.55 4.96 -0.17
CA GLY B 82 15.98 5.27 -0.10
C GLY B 82 16.76 4.50 -1.15
N GLU B 83 18.06 4.53 -0.98
CA GLU B 83 18.99 3.80 -1.86
C GLU B 83 18.62 2.28 -1.74
N LYS B 84 18.85 1.90 -3.09
CA LYS B 84 18.65 0.52 -3.44
CA LYS B 84 18.67 0.51 -3.45
C LYS B 84 19.54 -0.32 -2.53
N GLY B 85 18.91 -1.25 -1.82
CA GLY B 85 19.54 -2.20 -0.93
C GLY B 85 19.73 -1.99 0.51
N VAL B 86 19.25 -0.87 1.00
CA VAL B 86 19.28 -0.65 2.42
C VAL B 86 18.33 -1.61 3.08
N LYS B 87 18.81 -2.21 4.17
CA LYS B 87 18.06 -3.24 4.92
C LYS B 87 17.36 -2.57 6.06
N ILE B 88 16.01 -2.64 6.08
CA ILE B 88 15.18 -2.01 7.14
C ILE B 88 14.28 -3.05 7.77
N ALA B 89 14.25 -3.11 9.05
CA ALA B 89 13.36 -4.05 9.73
C ALA B 89 12.51 -3.28 10.75
N LEU B 90 11.25 -3.65 10.83
CA LEU B 90 10.27 -3.17 11.82
C LEU B 90 10.07 -4.33 12.82
N LYS B 91 10.13 -4.01 14.11
CA LYS B 91 10.05 -4.99 15.21
C LYS B 91 9.12 -4.47 16.27
N VAL B 92 8.33 -5.35 16.79
CA VAL B 92 7.50 -5.07 17.98
C VAL B 92 7.87 -6.06 19.10
N SER B 93 7.84 -5.59 20.31
CA SER B 93 8.18 -6.38 21.44
C SER B 93 7.47 -5.85 22.67
N ASP B 94 7.50 -6.65 23.76
CA ASP B 94 7.06 -6.21 25.10
C ASP B 94 5.54 -6.12 25.26
N TYR B 95 4.81 -6.60 24.24
CA TYR B 95 3.39 -6.49 24.17
C TYR B 95 2.61 -7.69 24.75
N GLY B 96 3.31 -8.77 25.06
CA GLY B 96 2.73 -9.98 25.56
C GLY B 96 3.22 -11.27 24.95
N GLY B 97 3.77 -11.16 23.75
CA GLY B 97 4.28 -12.28 22.96
C GLY B 97 5.73 -12.11 22.62
N ASN B 98 6.22 -13.03 21.78
CA ASN B 98 7.62 -12.94 21.32
C ASN B 98 7.78 -11.77 20.34
N GLU B 99 9.03 -11.37 20.16
CA GLU B 99 9.26 -10.33 19.17
C GLU B 99 8.69 -10.71 17.82
N ARG B 100 8.06 -9.80 17.16
CA ARG B 100 7.58 -9.92 15.79
C ARG B 100 8.25 -8.90 14.90
N SER B 101 8.54 -9.29 13.66
CA SER B 101 9.25 -8.39 12.78
C SER B 101 8.85 -8.61 11.32
N VAL B 102 9.15 -7.59 10.53
CA VAL B 102 9.12 -7.63 9.09
C VAL B 102 10.28 -6.86 8.53
N GLU B 103 10.83 -7.39 7.46
CA GLU B 103 12.02 -6.84 6.80
CA GLU B 103 12.00 -6.80 6.80
C GLU B 103 11.64 -6.30 5.43
N VAL B 104 12.22 -5.17 5.05
CA VAL B 104 12.08 -4.67 3.71
CA VAL B 104 12.09 -4.67 3.68
C VAL B 104 13.41 -4.09 3.24
N GLU B 105 13.58 -3.97 1.93
CA GLU B 105 14.73 -3.24 1.37
C GLU B 105 14.20 -2.12 0.53
N THR B 106 14.83 -0.97 0.64
CA THR B 106 14.52 0.15 -0.29
C THR B 106 15.11 -0.16 -1.67
N THR B 107 14.53 0.50 -2.67
CA THR B 107 14.83 0.14 -4.08
C THR B 107 15.04 1.37 -4.95
N GLY B 108 15.26 2.54 -4.32
CA GLY B 108 15.51 3.78 -5.06
C GLY B 108 14.68 4.92 -4.52
N TRP B 109 15.09 6.12 -4.91
CA TRP B 109 14.47 7.35 -4.49
C TRP B 109 12.98 7.40 -4.80
N LEU B 110 12.17 7.68 -3.74
CA LEU B 110 10.72 7.86 -3.87
C LEU B 110 10.01 6.59 -4.28
N GLU B 111 10.65 5.43 -4.15
CA GLU B 111 9.94 4.15 -4.28
C GLU B 111 9.51 3.74 -2.86
N TRP B 112 8.34 4.21 -2.47
CA TRP B 112 7.94 4.09 -1.11
C TRP B 112 7.56 2.68 -0.70
N LYS B 113 8.03 2.33 0.49
CA LYS B 113 7.68 1.05 1.16
C LYS B 113 6.87 1.36 2.43
N ASN B 114 5.93 0.49 2.72
CA ASN B 114 5.08 0.62 3.89
C ASN B 114 5.12 -0.63 4.75
N PRO B 115 6.22 -0.86 5.43
CA PRO B 115 6.30 -2.02 6.34
C PRO B 115 5.21 -1.91 7.42
N GLU B 116 4.61 -3.03 7.73
CA GLU B 116 3.51 -3.04 8.71
C GLU B 116 3.44 -4.39 9.38
N ILE B 117 3.06 -4.40 10.66
CA ILE B 117 2.78 -5.56 11.43
C ILE B 117 1.35 -5.40 12.00
N ARG B 118 0.53 -6.38 11.73
CA ARG B 118 -0.92 -6.31 12.11
CA ARG B 118 -0.90 -6.41 12.05
C ARG B 118 -1.22 -7.40 13.14
N ASN B 119 -2.42 -7.28 13.71
CA ASN B 119 -2.91 -8.31 14.64
CA ASN B 119 -2.93 -8.28 14.63
C ASN B 119 -1.99 -8.51 15.82
N ILE B 120 -1.53 -7.41 16.44
CA ILE B 120 -0.63 -7.46 17.57
C ILE B 120 -1.52 -7.46 18.81
N LYS B 121 -1.53 -8.56 19.55
CA LYS B 121 -2.37 -8.64 20.74
C LYS B 121 -1.62 -8.11 21.97
N VAL B 122 -1.91 -6.85 22.28
CA VAL B 122 -1.30 -6.21 23.43
C VAL B 122 -2.00 -6.69 24.70
N GLU B 123 -1.31 -7.47 25.52
CA GLU B 123 -1.78 -7.98 26.78
C GLU B 123 -1.08 -7.38 27.97
N THR B 124 0.04 -6.72 27.79
CA THR B 124 0.81 -6.20 28.87
C THR B 124 0.50 -4.71 29.15
N GLY B 125 -0.23 -4.06 28.29
CA GLY B 125 -0.37 -2.61 28.40
C GLY B 125 0.81 -1.81 27.91
N ARG B 126 1.71 -2.48 27.20
CA ARG B 126 2.90 -1.89 26.68
C ARG B 126 3.20 -2.37 25.32
N ILE B 127 4.00 -1.56 24.59
CA ILE B 127 4.59 -2.06 23.34
C ILE B 127 5.82 -1.23 23.06
N LYS B 128 6.83 -1.87 22.50
CA LYS B 128 8.02 -1.21 22.01
C LYS B 128 8.13 -1.42 20.50
N ILE B 129 8.26 -0.30 19.82
CA ILE B 129 8.45 -0.28 18.36
C ILE B 129 9.91 0.04 18.08
N THR B 130 10.56 -0.81 17.27
CA THR B 130 11.98 -0.61 16.91
C THR B 130 12.06 -0.73 15.41
N VAL B 131 12.78 0.20 14.79
CA VAL B 131 13.16 0.08 13.40
C VAL B 131 14.67 0.01 13.34
N SER B 132 15.19 -1.03 12.69
CA SER B 132 16.63 -1.12 12.48
C SER B 132 16.95 -0.83 11.01
N VAL B 133 18.13 -0.26 10.78
CA VAL B 133 18.60 0.21 9.46
C VAL B 133 20.06 -0.21 9.40
N GLU B 134 20.38 -0.81 8.27
CA GLU B 134 21.77 -1.17 7.99
C GLU B 134 22.11 -0.76 6.57
N GLY B 135 23.15 0.06 6.46
CA GLY B 135 23.50 0.62 5.18
C GLY B 135 24.98 0.47 4.91
N ARG B 136 25.26 0.43 3.63
CA ARG B 136 26.63 0.48 3.13
C ARG B 136 27.10 1.91 3.04
N ALA B 137 28.41 2.12 2.78
CA ALA B 137 28.89 3.47 2.64
C ALA B 137 28.10 4.21 1.55
N GLY B 138 27.68 5.43 1.86
CA GLY B 138 26.94 6.21 0.96
C GLY B 138 25.45 5.95 0.86
N ASP B 139 24.98 4.90 1.52
CA ASP B 139 23.55 4.63 1.53
C ASP B 139 22.80 5.67 2.32
N TRP B 140 21.53 5.80 1.99
CA TRP B 140 20.72 6.86 2.52
C TRP B 140 19.27 6.49 2.37
N GLY B 141 18.43 7.23 3.08
CA GLY B 141 17.03 7.07 2.98
C GLY B 141 16.24 7.97 3.90
N PHE B 142 14.91 7.83 3.83
CA PHE B 142 13.98 8.65 4.64
C PHE B 142 13.00 7.69 5.30
N ILE B 143 12.63 8.02 6.53
CA ILE B 143 11.68 7.29 7.37
C ILE B 143 10.67 8.33 7.89
N ASP B 144 9.38 8.02 7.76
CA ASP B 144 8.36 9.01 8.19
C ASP B 144 7.03 8.28 8.44
N ASP B 145 6.12 9.03 9.08
CA ASP B 145 4.70 8.71 9.03
C ASP B 145 4.42 7.35 9.68
N PHE B 146 4.88 7.19 10.94
CA PHE B 146 4.54 6.06 11.76
C PHE B 146 3.07 6.12 12.18
N TYR B 147 2.55 4.92 12.44
CA TYR B 147 1.22 4.83 13.05
C TYR B 147 1.13 3.59 13.87
N LEU B 148 0.45 3.70 15.01
CA LEU B 148 0.13 2.61 15.89
C LEU B 148 -1.34 2.75 16.18
N PHE B 149 -2.14 1.91 15.55
CA PHE B 149 -3.60 2.05 15.55
C PHE B 149 -4.24 0.80 16.17
N ARG B 150 -5.33 1.04 16.94
CA ARG B 150 -6.12 -0.07 17.40
C ARG B 150 -6.93 -0.55 16.20
N GLU B 151 -6.93 -1.87 15.92
CA GLU B 151 -7.69 -2.42 14.82
C GLU B 151 -9.20 -2.44 15.06
N GLU B 152 -9.98 -2.28 13.98
CA GLU B 152 -11.38 -2.75 13.89
CA GLU B 152 -11.25 -2.97 13.61
C GLU B 152 -12.28 -1.97 12.94
C1 GAL C . -6.76 -24.44 -15.84
C2 GAL C . -7.37 -23.10 -15.42
C3 GAL C . -6.79 -22.07 -16.37
C4 GAL C . -5.30 -22.10 -16.39
C5 GAL C . -4.80 -23.48 -16.77
C6 GAL C . -3.29 -23.63 -16.74
O1 GAL C . -7.13 -25.54 -15.02
O2 GAL C . -8.76 -23.22 -15.48
O3 GAL C . -7.25 -20.76 -16.04
O4 GAL C . -4.80 -21.73 -15.09
O5 GAL C . -5.33 -24.42 -15.87
O6 GAL C . -2.99 -24.88 -17.40
C1 GAL C . -4.02 -20.59 -15.01
C2 GAL C . -4.50 -19.76 -13.81
C3 GAL C . -3.56 -18.57 -13.59
C4 GAL C . -2.11 -19.06 -13.49
C5 GAL C . -1.78 -19.87 -14.75
C6 GAL C . -0.36 -20.44 -14.70
O2 GAL C . -5.83 -19.30 -14.15
O3 GAL C . -3.95 -17.86 -12.43
O4 GAL C . -1.97 -19.85 -12.35
O5 GAL C . -2.69 -20.96 -14.84
O6 GAL C . -0.11 -21.06 -15.98
C1 GAL C . -1.35 -19.30 -11.25
C2 GAL C . -2.06 -19.76 -9.98
C3 GAL C . -1.31 -19.28 -8.72
C4 GAL C . 0.15 -19.70 -8.82
C5 GAL C . 0.77 -19.25 -10.16
C6 GAL C . 2.21 -19.67 -10.34
O2 GAL C . -3.32 -19.11 -10.04
O3 GAL C . -1.96 -19.77 -7.56
O4 GAL C . 0.21 -21.15 -8.73
O5 GAL C . 0.01 -19.71 -11.28
O6 GAL C . 3.01 -19.10 -9.33
C1 GAL D . 24.97 17.37 2.98
C2 GAL D . 23.97 16.65 3.89
C3 GAL D . 24.36 15.18 4.10
C4 GAL D . 24.57 14.53 2.75
C5 GAL D . 25.64 15.33 1.98
C6 GAL D . 25.87 14.71 0.64
O1 GAL D . 24.46 18.64 2.60
O2 GAL D . 23.80 17.43 5.10
O3 GAL D . 23.34 14.46 4.79
O4 GAL D . 23.34 14.47 1.98
O5 GAL D . 25.15 16.61 1.80
O6 GAL D . 27.06 15.40 0.09
C1 GAL D . 22.87 13.14 1.63
C2 GAL D . 21.38 13.16 1.93
C3 GAL D . 20.79 11.84 1.45
C4 GAL D . 21.12 11.59 -0.02
C5 GAL D . 22.65 11.65 -0.21
C6 GAL D . 23.06 11.38 -1.64
O2 GAL D . 21.26 13.32 3.33
O3 GAL D . 19.36 11.86 1.62
O4 GAL D . 20.53 12.58 -0.81
O5 GAL D . 23.12 12.88 0.25
O6 GAL D . 24.49 11.35 -1.62
C1 GAL D . 19.40 12.20 -1.54
C2 GAL D . 18.42 13.37 -1.53
C3 GAL D . 17.21 13.09 -2.45
C4 GAL D . 17.75 12.79 -3.84
C5 GAL D . 18.69 11.60 -3.70
C6 GAL D . 19.29 11.15 -5.03
O2 GAL D . 17.95 13.48 -0.18
O3 GAL D . 16.38 14.24 -2.45
O4 GAL D . 18.37 13.94 -4.40
O5 GAL D . 19.80 11.99 -2.89
O6 GAL D . 18.33 10.73 -5.94
CA CA E . -12.94 -10.86 -3.18
S SO4 F . -18.11 -3.81 -25.68
O1 SO4 F . -19.38 -3.37 -26.15
O2 SO4 F . -18.04 -3.52 -24.25
O3 SO4 F . -17.14 -2.98 -26.60
O4 SO4 F . -18.07 -5.19 -25.83
C1 EDO G . -16.81 9.55 5.01
O1 EDO G . -16.40 10.94 5.11
C2 EDO G . -15.82 8.61 5.70
O2 EDO G . -14.69 8.57 4.81
C1 EDO H . -19.03 8.11 4.44
O1 EDO H . -18.63 7.92 3.08
C2 EDO H . -20.28 7.36 4.87
O2 EDO H . -20.09 7.09 6.27
C1 EDO I . -12.46 19.79 -3.61
O1 EDO I . -11.60 20.71 -4.28
C2 EDO I . -13.53 20.50 -2.80
O2 EDO I . -14.78 19.86 -2.99
C1 EDO J . 0.13 -21.26 -1.85
O1 EDO J . -0.59 -21.63 -0.73
C2 EDO J . 0.08 -22.56 -2.46
O2 EDO J . -1.02 -23.05 -3.17
C1 EDO K . -9.33 -2.40 0.50
O1 EDO K . -8.07 -1.59 0.62
C2 EDO K . -10.75 -1.86 0.83
O2 EDO K . -11.80 -2.89 1.07
C1 EDO L . -22.73 -2.47 -18.27
O1 EDO L . -22.88 -3.67 -19.08
C2 EDO L . -23.78 -1.42 -18.57
O2 EDO L . -23.21 -0.51 -19.55
C1 EDO M . -24.75 -4.58 -24.62
O1 EDO M . -23.99 -5.76 -24.28
C2 EDO M . -25.79 -4.86 -25.71
O2 EDO M . -25.21 -5.54 -26.85
C1 EDO N . 4.45 -14.20 -26.41
O1 EDO N . 5.26 -13.52 -25.44
C2 EDO N . 3.68 -13.16 -27.18
O2 EDO N . 2.44 -12.97 -26.52
C1 EDO O . -7.69 4.13 0.22
O1 EDO O . -6.67 4.99 0.55
C2 EDO O . -8.57 3.96 1.43
O2 EDO O . -8.34 2.75 2.14
C1 EDO P . -21.37 -21.51 -5.00
O1 EDO P . -21.03 -21.13 -3.65
C2 EDO P . -21.18 -23.00 -5.25
O2 EDO P . -22.33 -23.67 -4.71
C1 EDO Q . -12.71 -10.66 4.36
O1 EDO Q . -11.62 -11.19 3.66
C2 EDO Q . -13.46 -11.94 4.58
O2 EDO Q . -12.64 -13.12 4.54
C1 EDO R . -10.40 6.57 2.60
O1 EDO R . -10.79 7.85 2.11
C2 EDO R . -11.67 6.19 3.31
O2 EDO R . -12.35 7.44 3.22
C1 EDO S . 0.67 -23.00 -10.88
O1 EDO S . 1.03 -22.31 -12.01
C2 EDO S . -0.80 -23.04 -10.77
O2 EDO S . -1.24 -23.47 -9.50
C1 EDO T . -21.40 -24.39 3.84
O1 EDO T . -21.54 -25.32 2.75
C2 EDO T . -21.22 -25.10 5.19
O2 EDO T . -22.40 -24.94 6.02
C1 EDO U . -16.85 -23.17 4.82
O1 EDO U . -17.78 -22.58 5.69
C2 EDO U . -17.23 -22.96 3.39
O2 EDO U . -18.29 -22.05 3.18
C1 EDO V . 1.66 -21.19 22.83
O1 EDO V . 2.12 -19.93 22.35
C2 EDO V . 1.57 -20.98 24.32
O2 EDO V . 0.35 -21.50 24.86
CA CA W . 6.59 13.91 8.62
S SO4 X . 21.75 2.57 23.56
O1 SO4 X . 22.28 1.13 23.31
O2 SO4 X . 21.73 2.64 25.00
O3 SO4 X . 22.51 3.64 23.07
O4 SO4 X . 20.45 2.91 23.04
C1 EDO Y . 22.55 9.96 -8.34
O1 EDO Y . 21.84 10.06 -7.14
C2 EDO Y . 21.63 9.34 -9.32
O2 EDO Y . 22.17 9.33 -10.63
C1 EDO Z . -0.72 7.88 9.60
O1 EDO Z . -0.61 9.15 8.93
C2 EDO Z . -1.07 6.79 8.61
O2 EDO Z . -2.25 7.09 7.87
C1 EDO AA . 13.51 12.05 25.67
O1 EDO AA . 13.06 11.18 26.73
C2 EDO AA . 13.11 11.47 24.31
O2 EDO AA . 14.09 11.16 23.25
C1 EDO BA . -9.00 -4.75 18.76
O1 EDO BA . -9.09 -3.47 18.12
C2 EDO BA . -9.09 -4.69 20.26
O2 EDO BA . -9.23 -5.97 20.86
C1 EDO CA . -3.23 1.29 7.46
O1 EDO CA . -3.51 2.03 8.64
C2 EDO CA . -3.17 0.00 8.14
O2 EDO CA . -3.37 -1.14 7.38
C1 EDO DA . 19.81 16.74 3.14
C2 EDO DA . 18.64 16.87 4.09
O2 EDO DA . 17.70 15.93 3.57
C1 EDO EA . 20.73 15.54 -3.32
O1 EDO EA . 19.72 16.55 -3.42
C2 EDO EA . 20.90 14.81 -4.59
O2 EDO EA . 21.67 13.69 -4.34
C1 EDO FA . 4.60 -8.02 7.93
O1 EDO FA . 4.04 -8.26 9.22
C2 EDO FA . 3.56 -7.75 6.88
O2 EDO FA . 4.16 -7.89 5.57
C1 EDO GA . -7.67 1.68 12.68
O1 EDO GA . -8.99 1.20 12.33
C2 EDO GA . -6.75 1.39 11.54
O2 EDO GA . -6.49 0.04 11.66
#